data_3S3Q
#
_entry.id   3S3Q
#
_cell.length_a   33.092
_cell.length_b   79.528
_cell.length_c   90.269
_cell.angle_alpha   90.00
_cell.angle_beta   90.00
_cell.angle_gamma   90.00
#
_symmetry.space_group_name_H-M   'P 21 21 21'
#
loop_
_entity.id
_entity.type
_entity.pdbx_description
1 polymer 'Cathepsin B-like peptidase (C01 family)'
2 non-polymer N~2~-(morpholin-4-ylcarbonyl)-N-[(3S)-1-phenyl-5-(phenylsulfonyl)pentan-3-yl]-L-leucinamide
3 non-polymer 'ACETATE ION'
4 water water
#
_entity_poly.entity_id   1
_entity_poly.type   'polypeptide(L)'
_entity_poly.pdbx_seq_one_letter_code
;VEIPSSFDSRKKWPRCKSIATIRDQSRCGSCWAFGAVEAMSDRSCIQSGGKQNVELSAVDLLSCCESCGLGCEGGILGPA
WDYWVKEGIVTGSSKENHAGCEPYPFPKCEHHTKGKYPPCGSKIYKTPRCKQTCQKKYKTPYTQDKHRGKSSYNVKNDEK
AIQKEIMKYGPVEAGFTVYEDFLNYKSGIYKHITGETLGGHAIRIIGWGVENKAPYWLIANSWNEDWGENGYFRIVRGRD
ECSIESEVTAGRIN
;
_entity_poly.pdbx_strand_id   A
#
# COMPACT_ATOMS: atom_id res chain seq x y z
N VAL A 1 -18.02 -15.51 12.06
CA VAL A 1 -17.71 -14.36 12.96
C VAL A 1 -18.62 -13.18 12.65
N GLU A 2 -19.09 -12.50 13.69
CA GLU A 2 -19.91 -11.30 13.51
C GLU A 2 -19.02 -10.10 13.17
N ILE A 3 -19.42 -9.38 12.14
CA ILE A 3 -18.65 -8.23 11.69
C ILE A 3 -19.19 -7.01 12.43
N PRO A 4 -18.30 -6.25 13.08
CA PRO A 4 -18.67 -5.02 13.76
C PRO A 4 -18.98 -3.90 12.76
N SER A 5 -19.81 -2.94 13.17
CA SER A 5 -20.19 -1.85 12.27
C SER A 5 -18.98 -1.00 11.86
N SER A 6 -17.92 -1.08 12.67
CA SER A 6 -16.68 -0.36 12.39
CA SER A 6 -16.68 -0.41 12.31
C SER A 6 -15.48 -1.22 12.75
N PHE A 7 -14.36 -1.01 12.05
CA PHE A 7 -13.10 -1.67 12.37
C PHE A 7 -11.95 -0.83 11.88
N ASP A 8 -10.88 -0.77 12.67
CA ASP A 8 -9.69 -0.02 12.30
C ASP A 8 -8.46 -0.81 12.72
N SER A 9 -7.70 -1.32 11.74
CA SER A 9 -6.49 -2.10 12.07
C SER A 9 -5.51 -1.32 12.98
N ARG A 10 -5.51 0.00 12.91
CA ARG A 10 -4.59 0.78 13.74
C ARG A 10 -4.92 0.62 15.22
N LYS A 11 -6.21 0.50 15.50
CA LYS A 11 -6.70 0.37 16.86
C LYS A 11 -6.63 -1.08 17.36
N LYS A 12 -6.75 -2.05 16.46
CA LYS A 12 -6.69 -3.43 16.90
C LYS A 12 -5.25 -3.86 17.26
N TRP A 13 -4.30 -3.42 16.45
CA TRP A 13 -2.91 -3.89 16.60
C TRP A 13 -1.90 -2.73 16.72
N PRO A 14 -2.05 -1.90 17.77
CA PRO A 14 -1.35 -0.61 17.82
C PRO A 14 0.15 -0.74 18.10
N ARG A 15 0.56 -1.92 18.56
CA ARG A 15 1.98 -2.22 18.73
C ARG A 15 2.67 -2.31 17.37
N CYS A 16 1.91 -2.59 16.32
CA CYS A 16 2.49 -2.73 14.98
C CYS A 16 2.61 -1.35 14.33
N LYS A 17 3.79 -0.76 14.39
CA LYS A 17 3.96 0.65 14.01
C LYS A 17 3.72 0.98 12.55
N SER A 18 3.83 -0.03 11.69
CA SER A 18 3.64 0.23 10.27
C SER A 18 2.19 0.54 9.91
N ILE A 19 1.24 0.01 10.70
CA ILE A 19 -0.18 0.14 10.31
C ILE A 19 -0.63 1.59 10.20
N ALA A 20 -0.17 2.44 11.13
CA ALA A 20 -0.58 3.86 11.13
C ALA A 20 0.28 4.72 10.22
N THR A 21 1.22 4.09 9.53
CA THR A 21 2.16 4.82 8.69
C THR A 21 1.49 5.20 7.39
N ILE A 22 1.71 6.43 6.96
CA ILE A 22 1.35 6.87 5.59
C ILE A 22 2.65 7.13 4.80
N ARG A 23 2.77 6.49 3.64
CA ARG A 23 3.97 6.55 2.81
C ARG A 23 3.71 7.49 1.62
N ASP A 24 4.74 7.72 0.83
CA ASP A 24 4.64 8.56 -0.37
C ASP A 24 5.42 7.94 -1.56
N GLN A 25 4.72 7.60 -2.65
CA GLN A 25 5.32 7.06 -3.87
C GLN A 25 6.27 8.04 -4.56
N SER A 26 6.09 9.33 -4.29
CA SER A 26 6.84 10.37 -5.00
C SER A 26 6.43 10.39 -6.48
N ARG A 27 7.34 10.80 -7.36
CA ARG A 27 7.05 10.94 -8.79
C ARG A 27 7.30 9.59 -9.50
N CYS A 28 6.49 8.60 -9.16
CA CYS A 28 6.67 7.24 -9.63
C CYS A 28 5.34 6.50 -9.45
N GLY A 29 4.91 5.78 -10.48
CA GLY A 29 3.66 4.99 -10.40
C GLY A 29 3.85 3.69 -9.65
N SER A 30 4.34 3.79 -8.42
CA SER A 30 4.73 2.62 -7.64
C SER A 30 3.67 2.21 -6.62
N CYS A 31 2.46 2.76 -6.76
CA CYS A 31 1.35 2.40 -5.89
C CYS A 31 1.21 0.91 -5.68
N TRP A 32 1.37 0.14 -6.76
CA TRP A 32 1.24 -1.31 -6.70
C TRP A 32 2.21 -1.91 -5.68
N ALA A 33 3.41 -1.34 -5.61
CA ALA A 33 4.44 -1.83 -4.70
C ALA A 33 4.28 -1.31 -3.28
N PHE A 34 3.75 -0.10 -3.15
CA PHE A 34 3.54 0.50 -1.82
C PHE A 34 2.40 -0.20 -1.11
N GLY A 35 1.24 -0.30 -1.78
CA GLY A 35 0.13 -1.06 -1.20
C GLY A 35 0.61 -2.44 -0.72
N ALA A 36 1.48 -3.07 -1.49
CA ALA A 36 1.99 -4.40 -1.13
C ALA A 36 2.88 -4.34 0.10
N VAL A 37 3.97 -3.59 0.03
CA VAL A 37 4.94 -3.60 1.15
C VAL A 37 4.33 -3.08 2.44
N GLU A 38 3.35 -2.16 2.32
CA GLU A 38 2.65 -1.62 3.50
C GLU A 38 1.85 -2.73 4.17
N ALA A 39 1.04 -3.41 3.35
CA ALA A 39 0.18 -4.47 3.88
C ALA A 39 1.06 -5.62 4.38
N MET A 40 2.15 -5.89 3.67
CA MET A 40 3.08 -6.94 4.10
C MET A 40 3.74 -6.60 5.42
N SER A 41 4.10 -5.32 5.58
CA SER A 41 4.69 -4.87 6.82
C SER A 41 3.70 -5.08 7.97
N ASP A 42 2.47 -4.59 7.78
CA ASP A 42 1.41 -4.70 8.77
C ASP A 42 1.21 -6.16 9.14
N ARG A 43 1.00 -6.98 8.12
CA ARG A 43 0.74 -8.40 8.31
C ARG A 43 1.89 -9.18 8.96
N SER A 44 3.13 -8.90 8.55
CA SER A 44 4.31 -9.55 9.17
C SER A 44 4.34 -9.32 10.68
N CYS A 45 3.95 -8.11 11.10
CA CYS A 45 3.84 -7.78 12.51
C CYS A 45 2.61 -8.44 13.18
N ILE A 46 1.43 -8.23 12.61
CA ILE A 46 0.21 -8.81 13.17
C ILE A 46 0.33 -10.32 13.33
N GLN A 47 0.80 -11.00 12.28
CA GLN A 47 0.75 -12.46 12.27
C GLN A 47 1.90 -13.12 13.07
N SER A 48 2.89 -12.32 13.45
CA SER A 48 4.03 -12.79 14.25
C SER A 48 3.93 -12.36 15.71
N GLY A 49 2.76 -11.85 16.10
CA GLY A 49 2.53 -11.40 17.48
C GLY A 49 3.41 -10.22 17.87
N GLY A 50 3.77 -9.41 16.87
CA GLY A 50 4.63 -8.24 17.08
C GLY A 50 6.12 -8.53 17.04
N LYS A 51 6.50 -9.78 16.75
CA LYS A 51 7.93 -10.14 16.69
C LYS A 51 8.68 -9.49 15.54
N GLN A 52 8.03 -9.40 14.38
CA GLN A 52 8.57 -8.62 13.30
C GLN A 52 7.90 -7.26 13.44
N ASN A 53 8.69 -6.19 13.55
CA ASN A 53 8.09 -4.86 13.66
C ASN A 53 8.90 -3.97 12.72
N VAL A 54 8.71 -4.18 11.41
CA VAL A 54 9.55 -3.56 10.39
C VAL A 54 8.78 -2.74 9.36
N GLU A 55 9.50 -1.83 8.69
CA GLU A 55 9.00 -1.18 7.49
CA GLU A 55 9.01 -1.19 7.50
C GLU A 55 9.68 -1.86 6.30
N LEU A 56 8.89 -2.52 5.45
CA LEU A 56 9.50 -3.23 4.32
C LEU A 56 9.79 -2.28 3.16
N SER A 57 10.88 -2.55 2.46
CA SER A 57 11.41 -1.65 1.44
C SER A 57 10.61 -1.62 0.16
N ALA A 58 9.98 -0.48 -0.11
CA ALA A 58 9.28 -0.26 -1.39
C ALA A 58 10.22 -0.42 -2.58
N VAL A 59 11.42 0.12 -2.47
CA VAL A 59 12.35 0.13 -3.61
C VAL A 59 12.85 -1.27 -3.98
N ASP A 60 13.06 -2.12 -2.98
CA ASP A 60 13.46 -3.51 -3.24
C ASP A 60 12.43 -4.19 -4.13
N LEU A 61 11.17 -4.16 -3.72
CA LEU A 61 10.11 -4.78 -4.52
C LEU A 61 9.93 -4.09 -5.89
N LEU A 62 9.91 -2.76 -5.89
CA LEU A 62 9.72 -1.97 -7.10
C LEU A 62 10.80 -2.25 -8.15
N SER A 63 12.03 -2.35 -7.67
CA SER A 63 13.19 -2.39 -8.55
CA SER A 63 13.21 -2.40 -8.53
C SER A 63 13.63 -3.82 -8.92
N CYS A 64 13.32 -4.78 -8.05
CA CYS A 64 13.82 -6.15 -8.24
C CYS A 64 12.80 -7.17 -8.74
N CYS A 65 11.50 -6.92 -8.56
CA CYS A 65 10.52 -7.87 -9.06
C CYS A 65 10.39 -7.75 -10.60
N GLU A 66 10.94 -8.72 -11.34
CA GLU A 66 10.91 -8.70 -12.81
CA GLU A 66 10.91 -8.66 -12.82
C GLU A 66 9.55 -9.03 -13.41
N SER A 67 8.73 -9.75 -12.66
CA SER A 67 7.43 -10.20 -13.15
CA SER A 67 7.42 -10.22 -13.13
C SER A 67 6.29 -9.29 -12.72
N CYS A 68 6.63 -8.18 -12.08
CA CYS A 68 5.61 -7.32 -11.45
C CYS A 68 5.11 -6.17 -12.33
N GLY A 69 5.57 -6.12 -13.58
CA GLY A 69 5.12 -5.08 -14.49
C GLY A 69 6.21 -4.09 -14.88
N LEU A 70 5.84 -2.81 -14.94
CA LEU A 70 6.69 -1.78 -15.52
C LEU A 70 7.28 -0.80 -14.51
N GLY A 71 7.39 -1.22 -13.25
CA GLY A 71 8.09 -0.42 -12.23
C GLY A 71 7.39 0.90 -11.95
N CYS A 72 8.08 2.01 -12.18
CA CYS A 72 7.45 3.32 -11.99
C CYS A 72 6.32 3.57 -13.00
N GLU A 73 6.22 2.77 -14.05
CA GLU A 73 5.11 2.93 -15.01
CA GLU A 73 5.13 2.92 -15.02
C GLU A 73 3.92 2.03 -14.68
N GLY A 74 3.97 1.37 -13.51
CA GLY A 74 2.81 0.63 -13.03
C GLY A 74 3.06 -0.85 -12.98
N GLY A 75 2.28 -1.52 -12.15
CA GLY A 75 2.52 -2.91 -11.82
C GLY A 75 1.30 -3.79 -11.60
N ILE A 76 1.57 -4.99 -11.09
CA ILE A 76 0.60 -6.09 -11.05
C ILE A 76 0.64 -6.74 -9.67
N LEU A 77 -0.52 -6.88 -9.03
CA LEU A 77 -0.56 -7.22 -7.60
C LEU A 77 -0.18 -8.67 -7.30
N GLY A 78 -0.70 -9.61 -8.09
CA GLY A 78 -0.42 -11.03 -7.83
C GLY A 78 1.07 -11.35 -7.77
N PRO A 79 1.81 -10.99 -8.82
CA PRO A 79 3.26 -11.17 -8.81
C PRO A 79 3.97 -10.43 -7.67
N ALA A 80 3.40 -9.33 -7.17
CA ALA A 80 4.04 -8.58 -6.08
C ALA A 80 4.01 -9.43 -4.82
N TRP A 81 2.85 -10.02 -4.55
CA TRP A 81 2.71 -10.90 -3.38
C TRP A 81 3.48 -12.23 -3.55
N ASP A 82 3.59 -12.70 -4.79
CA ASP A 82 4.35 -13.92 -5.08
C ASP A 82 5.85 -13.71 -4.79
N TYR A 83 6.33 -12.51 -5.15
CA TYR A 83 7.74 -12.13 -4.99
C TYR A 83 8.06 -12.11 -3.49
N TRP A 84 7.12 -11.61 -2.70
CA TRP A 84 7.27 -11.58 -1.24
C TRP A 84 7.38 -12.98 -0.65
N VAL A 85 6.56 -13.89 -1.17
CA VAL A 85 6.59 -15.28 -0.73
C VAL A 85 7.89 -15.99 -1.17
N LYS A 86 8.28 -15.81 -2.43
CA LYS A 86 9.40 -16.57 -2.97
C LYS A 86 10.75 -15.95 -2.64
N GLU A 87 10.93 -14.68 -3.01
CA GLU A 87 12.20 -13.96 -2.83
CA GLU A 87 12.21 -14.01 -2.81
C GLU A 87 12.26 -13.23 -1.49
N GLY A 88 11.11 -12.76 -1.03
CA GLY A 88 11.05 -11.91 0.15
C GLY A 88 11.45 -10.47 -0.15
N ILE A 89 11.30 -9.60 0.83
CA ILE A 89 11.59 -8.16 0.65
C ILE A 89 12.39 -7.68 1.86
N VAL A 90 13.42 -6.86 1.61
CA VAL A 90 14.22 -6.34 2.71
C VAL A 90 13.53 -5.17 3.39
N THR A 91 14.16 -4.63 4.45
CA THR A 91 13.59 -3.48 5.14
C THR A 91 14.02 -2.18 4.47
N GLY A 92 13.32 -1.10 4.75
CA GLY A 92 13.67 0.20 4.16
C GLY A 92 12.58 1.22 4.35
N SER A 93 12.96 2.37 4.91
CA SER A 93 12.05 3.45 5.26
C SER A 93 11.84 4.41 4.09
N SER A 94 11.22 5.56 4.36
CA SER A 94 11.19 6.67 3.39
C SER A 94 12.59 7.22 3.19
N LYS A 95 12.76 8.06 2.17
CA LYS A 95 14.04 8.71 1.90
C LYS A 95 14.45 9.54 3.12
N GLU A 96 13.49 10.28 3.64
CA GLU A 96 13.71 11.23 4.73
C GLU A 96 14.07 10.55 6.04
N ASN A 97 13.64 9.31 6.23
CA ASN A 97 14.00 8.58 7.44
C ASN A 97 15.30 7.79 7.39
N HIS A 98 15.85 7.60 6.19
CA HIS A 98 17.17 6.96 5.98
C HIS A 98 17.35 5.69 6.80
N ALA A 99 16.30 4.92 7.01
CA ALA A 99 16.43 3.74 7.88
C ALA A 99 16.30 2.45 7.11
N GLY A 100 16.82 1.37 7.71
CA GLY A 100 16.66 0.02 7.15
C GLY A 100 17.66 -0.25 6.06
N CYS A 101 17.53 -1.41 5.41
CA CYS A 101 18.47 -1.85 4.40
C CYS A 101 18.45 -0.92 3.17
N GLU A 102 17.26 -0.73 2.60
CA GLU A 102 17.14 0.04 1.35
C GLU A 102 16.02 1.07 1.44
N PRO A 103 16.33 2.24 2.05
CA PRO A 103 15.31 3.28 2.07
C PRO A 103 14.96 3.78 0.65
N TYR A 104 13.80 4.40 0.54
CA TYR A 104 13.25 4.80 -0.75
C TYR A 104 14.09 5.95 -1.32
N PRO A 105 14.47 5.88 -2.61
CA PRO A 105 15.34 6.93 -3.17
C PRO A 105 14.69 8.28 -3.45
N PHE A 106 13.35 8.37 -3.42
CA PHE A 106 12.65 9.55 -3.95
C PHE A 106 11.96 10.38 -2.86
N PRO A 107 11.99 11.72 -2.98
CA PRO A 107 11.50 12.59 -1.93
C PRO A 107 9.97 12.79 -1.96
N LYS A 108 9.41 13.17 -0.82
CA LYS A 108 7.99 13.51 -0.73
C LYS A 108 7.64 14.68 -1.60
N CYS A 109 6.42 14.65 -2.15
CA CYS A 109 5.96 15.71 -3.04
C CYS A 109 4.44 15.73 -3.01
N GLU A 110 3.84 16.87 -3.36
CA GLU A 110 2.38 16.97 -3.37
C GLU A 110 1.73 16.43 -4.63
N HIS A 111 0.75 15.57 -4.43
CA HIS A 111 0.04 14.90 -5.52
C HIS A 111 -1.32 15.56 -5.77
N HIS A 112 -1.37 16.53 -6.70
CA HIS A 112 -2.62 17.21 -7.10
C HIS A 112 -3.39 17.75 -5.91
N THR A 113 -2.66 18.32 -4.95
CA THR A 113 -3.26 18.85 -3.72
C THR A 113 -2.32 19.87 -3.08
N LYS A 114 -2.81 20.71 -2.18
CA LYS A 114 -1.96 21.77 -1.63
C LYS A 114 -1.17 21.30 -0.42
N GLY A 115 0.03 21.85 -0.24
CA GLY A 115 0.77 21.56 0.98
C GLY A 115 2.19 22.04 0.97
N LYS A 116 2.91 21.59 1.99
CA LYS A 116 4.27 22.05 2.33
C LYS A 116 5.39 21.39 1.49
N TYR A 117 5.09 20.27 0.83
CA TYR A 117 6.09 19.63 -0.02
C TYR A 117 6.05 20.24 -1.43
N PRO A 118 7.16 20.10 -2.18
CA PRO A 118 7.16 20.50 -3.58
C PRO A 118 6.07 19.73 -4.35
N PRO A 119 5.43 20.38 -5.33
CA PRO A 119 4.49 19.64 -6.18
C PRO A 119 5.19 18.51 -6.91
N CYS A 120 4.53 17.36 -7.04
CA CYS A 120 5.10 16.26 -7.80
C CYS A 120 5.24 16.59 -9.27
N GLY A 121 4.26 17.31 -9.82
CA GLY A 121 4.27 17.62 -11.27
C GLY A 121 3.93 16.38 -12.06
N SER A 122 4.02 16.48 -13.38
CA SER A 122 3.55 15.41 -14.26
C SER A 122 4.59 14.35 -14.65
N LYS A 123 5.87 14.67 -14.53
CA LYS A 123 6.94 13.74 -14.93
C LYS A 123 7.11 12.61 -13.91
N ILE A 124 7.54 11.45 -14.40
CA ILE A 124 7.78 10.25 -13.60
CA ILE A 124 7.84 10.34 -13.49
C ILE A 124 9.26 9.85 -13.69
N TYR A 125 9.86 9.41 -12.57
CA TYR A 125 11.22 8.94 -12.55
C TYR A 125 11.32 7.61 -13.23
N LYS A 126 12.52 7.33 -13.73
CA LYS A 126 12.86 5.99 -14.20
CA LYS A 126 12.83 6.00 -14.20
C LYS A 126 12.85 5.02 -13.02
N THR A 127 12.37 3.82 -13.27
CA THR A 127 12.42 2.77 -12.25
C THR A 127 13.86 2.65 -11.74
N PRO A 128 14.04 2.73 -10.42
CA PRO A 128 15.36 2.52 -9.83
C PRO A 128 15.92 1.15 -10.21
N ARG A 129 17.25 1.02 -10.29
CA ARG A 129 17.92 -0.27 -10.43
C ARG A 129 17.75 -1.16 -9.21
N CYS A 130 17.83 -2.47 -9.43
CA CYS A 130 17.80 -3.44 -8.35
C CYS A 130 19.21 -3.56 -7.78
N LYS A 131 19.46 -2.92 -6.65
CA LYS A 131 20.85 -2.80 -6.15
C LYS A 131 21.37 -3.90 -5.26
N GLN A 132 20.45 -4.59 -4.57
CA GLN A 132 20.79 -5.76 -3.76
C GLN A 132 21.91 -5.45 -2.76
N THR A 133 21.83 -4.25 -2.16
CA THR A 133 22.87 -3.73 -1.28
C THR A 133 22.24 -2.84 -0.21
N CYS A 134 22.42 -3.21 1.06
CA CYS A 134 21.94 -2.37 2.14
C CYS A 134 22.84 -1.14 2.24
N GLN A 135 22.27 -0.05 2.73
CA GLN A 135 23.03 1.18 2.94
C GLN A 135 24.17 0.90 3.93
N LYS A 136 25.26 1.65 3.81
CA LYS A 136 26.50 1.29 4.52
C LYS A 136 26.34 1.25 6.03
N LYS A 137 25.47 2.08 6.60
CA LYS A 137 25.29 2.07 8.06
C LYS A 137 24.49 0.85 8.55
N TYR A 138 23.80 0.17 7.64
CA TYR A 138 22.97 -0.98 8.00
C TYR A 138 23.79 -2.26 7.95
N LYS A 139 24.07 -2.83 9.12
CA LYS A 139 25.06 -3.91 9.22
C LYS A 139 24.49 -5.33 9.10
N THR A 140 23.64 -5.52 8.09
CA THR A 140 23.10 -6.82 7.72
C THR A 140 23.23 -6.89 6.21
N PRO A 141 23.76 -8.02 5.69
CA PRO A 141 23.85 -8.15 4.24
C PRO A 141 22.44 -8.26 3.66
N TYR A 142 22.25 -7.68 2.48
CA TYR A 142 20.98 -7.65 1.77
C TYR A 142 20.17 -8.95 1.79
N THR A 143 20.78 -10.07 1.44
CA THR A 143 20.03 -11.33 1.35
C THR A 143 19.55 -11.81 2.72
N GLN A 144 20.26 -11.39 3.76
CA GLN A 144 19.99 -11.82 5.11
C GLN A 144 18.96 -10.89 5.79
N ASP A 145 18.62 -9.79 5.13
CA ASP A 145 17.58 -8.87 5.66
C ASP A 145 16.20 -9.14 5.00
N LYS A 146 16.13 -10.16 4.14
CA LYS A 146 14.86 -10.53 3.48
C LYS A 146 13.80 -11.07 4.44
N HIS A 147 12.58 -10.58 4.25
CA HIS A 147 11.41 -11.07 4.95
C HIS A 147 10.45 -11.76 3.99
N ARG A 148 10.11 -13.02 4.26
CA ARG A 148 9.31 -13.80 3.30
C ARG A 148 7.92 -14.18 3.79
N GLY A 149 6.95 -14.14 2.86
CA GLY A 149 5.63 -14.69 3.13
C GLY A 149 5.59 -16.22 2.96
N LYS A 150 4.52 -16.86 3.44
CA LYS A 150 4.31 -18.29 3.20
C LYS A 150 3.32 -18.52 2.04
N SER A 151 2.22 -17.76 2.04
CA SER A 151 1.23 -17.86 0.98
C SER A 151 0.75 -16.49 0.53
N SER A 152 0.17 -16.44 -0.66
CA SER A 152 -0.53 -15.24 -1.10
C SER A 152 -1.76 -15.71 -1.84
N TYR A 153 -2.75 -14.82 -1.97
CA TYR A 153 -4.02 -15.18 -2.56
C TYR A 153 -4.81 -13.94 -2.88
N ASN A 154 -5.75 -14.11 -3.81
CA ASN A 154 -6.75 -13.08 -4.02
C ASN A 154 -7.92 -13.34 -3.09
N VAL A 155 -8.53 -12.26 -2.62
CA VAL A 155 -9.64 -12.37 -1.69
C VAL A 155 -10.94 -12.33 -2.48
N LYS A 156 -11.91 -13.14 -2.06
CA LYS A 156 -13.23 -13.21 -2.68
C LYS A 156 -13.84 -11.81 -2.79
N ASN A 157 -14.48 -11.53 -3.94
CA ASN A 157 -15.11 -10.23 -4.15
C ASN A 157 -16.48 -10.20 -3.45
N ASP A 158 -16.45 -10.39 -2.15
CA ASP A 158 -17.63 -10.38 -1.32
C ASP A 158 -17.30 -9.51 -0.12
N GLU A 159 -18.22 -8.62 0.23
CA GLU A 159 -17.98 -7.63 1.27
C GLU A 159 -17.66 -8.28 2.61
N LYS A 160 -18.49 -9.23 3.05
CA LYS A 160 -18.22 -9.90 4.32
C LYS A 160 -16.89 -10.64 4.29
N ALA A 161 -16.58 -11.32 3.18
CA ALA A 161 -15.28 -12.00 3.04
C ALA A 161 -14.09 -11.05 3.25
N ILE A 162 -14.13 -9.90 2.59
CA ILE A 162 -13.05 -8.91 2.73
C ILE A 162 -12.96 -8.40 4.17
N GLN A 163 -14.13 -8.14 4.80
CA GLN A 163 -14.14 -7.73 6.20
C GLN A 163 -13.55 -8.80 7.10
N LYS A 164 -13.97 -10.05 6.95
CA LYS A 164 -13.41 -11.09 7.81
C LYS A 164 -11.89 -11.22 7.66
N GLU A 165 -11.43 -11.13 6.41
CA GLU A 165 -10.00 -11.21 6.08
C GLU A 165 -9.19 -10.13 6.79
N ILE A 166 -9.63 -8.88 6.67
CA ILE A 166 -8.96 -7.75 7.29
C ILE A 166 -8.91 -7.93 8.81
N MET A 167 -10.05 -8.29 9.38
CA MET A 167 -10.20 -8.42 10.82
C MET A 167 -9.34 -9.54 11.40
N LYS A 168 -9.20 -10.62 10.65
CA LYS A 168 -8.50 -11.77 11.16
C LYS A 168 -7.00 -11.74 10.87
N TYR A 169 -6.63 -11.26 9.68
CA TYR A 169 -5.25 -11.40 9.20
C TYR A 169 -4.55 -10.08 8.93
N GLY A 170 -5.31 -8.99 8.92
CA GLY A 170 -4.68 -7.67 8.73
C GLY A 170 -5.08 -6.93 7.46
N PRO A 171 -4.61 -5.68 7.33
CA PRO A 171 -4.87 -4.89 6.11
C PRO A 171 -4.56 -5.61 4.80
N VAL A 172 -5.37 -5.35 3.78
CA VAL A 172 -5.19 -5.96 2.47
C VAL A 172 -4.73 -4.91 1.44
N GLU A 173 -4.12 -5.34 0.34
CA GLU A 173 -3.95 -4.48 -0.81
C GLU A 173 -5.18 -4.65 -1.70
N ALA A 174 -5.55 -3.57 -2.40
CA ALA A 174 -6.71 -3.59 -3.28
C ALA A 174 -6.49 -2.65 -4.45
N GLY A 175 -6.83 -3.13 -5.64
CA GLY A 175 -6.75 -2.30 -6.84
C GLY A 175 -8.12 -1.66 -7.06
N PHE A 176 -8.12 -0.47 -7.65
CA PHE A 176 -9.40 0.15 -8.04
C PHE A 176 -9.22 1.08 -9.23
N THR A 177 -10.32 1.39 -9.90
CA THR A 177 -10.29 2.31 -11.02
C THR A 177 -10.34 3.76 -10.55
N VAL A 178 -9.32 4.50 -10.97
CA VAL A 178 -9.16 5.88 -10.62
CA VAL A 178 -9.17 5.89 -10.62
C VAL A 178 -9.65 6.77 -11.76
N TYR A 179 -10.55 7.67 -11.42
CA TYR A 179 -11.14 8.63 -12.36
C TYR A 179 -10.67 10.02 -11.97
N GLU A 180 -10.79 10.98 -12.90
CA GLU A 180 -10.19 12.30 -12.69
C GLU A 180 -10.65 12.97 -11.40
N ASP A 181 -11.92 12.75 -11.03
CA ASP A 181 -12.39 13.35 -9.79
C ASP A 181 -11.67 12.85 -8.53
N PHE A 182 -11.07 11.66 -8.57
CA PHE A 182 -10.24 11.21 -7.44
C PHE A 182 -9.12 12.22 -7.12
N LEU A 183 -8.54 12.82 -8.16
CA LEU A 183 -7.49 13.84 -7.98
C LEU A 183 -7.93 15.05 -7.16
N ASN A 184 -9.25 15.23 -7.08
CA ASN A 184 -9.81 16.39 -6.41
C ASN A 184 -10.25 16.10 -4.99
N TYR A 185 -10.04 14.86 -4.54
CA TYR A 185 -10.49 14.42 -3.22
C TYR A 185 -9.78 15.21 -2.10
N LYS A 186 -10.57 15.81 -1.20
CA LYS A 186 -10.01 16.43 0.00
C LYS A 186 -10.40 15.67 1.26
N SER A 187 -11.67 15.30 1.35
CA SER A 187 -12.20 14.52 2.46
C SER A 187 -13.56 13.91 2.09
N GLY A 188 -14.10 13.16 3.04
CA GLY A 188 -15.41 12.54 2.88
C GLY A 188 -15.41 11.11 2.35
N ILE A 189 -16.61 10.65 2.02
CA ILE A 189 -16.81 9.33 1.42
C ILE A 189 -16.87 9.45 -0.11
N TYR A 190 -15.79 9.02 -0.75
CA TYR A 190 -15.67 9.12 -2.19
C TYR A 190 -16.56 8.12 -2.94
N LYS A 191 -17.16 8.61 -4.02
CA LYS A 191 -17.66 7.77 -5.09
C LYS A 191 -17.39 8.52 -6.41
N HIS A 192 -17.30 7.78 -7.52
CA HIS A 192 -17.05 8.39 -8.84
C HIS A 192 -18.27 9.11 -9.36
N ILE A 193 -18.08 10.39 -9.69
CA ILE A 193 -19.17 11.28 -10.08
C ILE A 193 -18.85 11.96 -11.43
N THR A 194 -17.62 12.48 -11.55
CA THR A 194 -17.17 13.15 -12.77
C THR A 194 -15.78 12.68 -13.20
N GLY A 195 -15.44 12.99 -14.44
CA GLY A 195 -14.10 12.75 -14.95
C GLY A 195 -13.93 11.40 -15.58
N GLU A 196 -12.93 11.30 -16.45
CA GLU A 196 -12.67 10.10 -17.22
C GLU A 196 -11.64 9.26 -16.49
N THR A 197 -11.44 8.04 -16.96
CA THR A 197 -10.49 7.14 -16.33
C THR A 197 -9.02 7.57 -16.45
N LEU A 198 -8.29 7.35 -15.37
CA LEU A 198 -6.87 7.57 -15.35
C LEU A 198 -6.14 6.27 -15.14
N GLY A 199 -6.85 5.16 -15.33
CA GLY A 199 -6.25 3.84 -15.16
C GLY A 199 -6.57 3.28 -13.79
N GLY A 200 -5.59 2.60 -13.19
CA GLY A 200 -5.79 1.96 -11.90
C GLY A 200 -4.84 2.43 -10.82
N HIS A 201 -5.25 2.20 -9.58
CA HIS A 201 -4.47 2.60 -8.42
C HIS A 201 -4.55 1.44 -7.45
N ALA A 202 -3.51 1.27 -6.64
CA ALA A 202 -3.43 0.16 -5.69
C ALA A 202 -3.17 0.78 -4.34
N ILE A 203 -3.98 0.39 -3.37
CA ILE A 203 -3.94 1.00 -2.06
C ILE A 203 -4.07 -0.06 -0.96
N ARG A 204 -4.18 0.39 0.28
CA ARG A 204 -4.23 -0.52 1.41
C ARG A 204 -5.49 -0.28 2.24
N ILE A 205 -6.40 -1.28 2.30
CA ILE A 205 -7.66 -1.15 3.07
C ILE A 205 -7.36 -1.57 4.50
N ILE A 206 -7.51 -0.64 5.45
CA ILE A 206 -7.20 -0.90 6.87
C ILE A 206 -8.42 -1.14 7.76
N GLY A 207 -9.61 -0.87 7.24
CA GLY A 207 -10.81 -0.97 8.03
C GLY A 207 -12.03 -0.52 7.29
N TRP A 208 -13.05 -0.18 8.06
CA TRP A 208 -14.35 0.22 7.53
C TRP A 208 -15.15 0.90 8.61
N GLY A 209 -16.20 1.60 8.20
CA GLY A 209 -17.05 2.26 9.15
C GLY A 209 -18.30 2.79 8.44
N VAL A 210 -19.05 3.61 9.16
CA VAL A 210 -20.33 4.10 8.65
C VAL A 210 -20.63 5.43 9.31
N GLU A 211 -21.04 6.40 8.51
CA GLU A 211 -21.34 7.72 8.99
C GLU A 211 -22.62 8.17 8.30
N ASN A 212 -23.59 8.61 9.10
CA ASN A 212 -24.93 9.01 8.60
C ASN A 212 -25.56 7.95 7.71
N LYS A 213 -25.46 6.69 8.15
CA LYS A 213 -25.95 5.51 7.41
C LYS A 213 -25.17 5.13 6.15
N ALA A 214 -24.08 5.84 5.86
CA ALA A 214 -23.32 5.59 4.63
C ALA A 214 -22.07 4.75 4.93
N PRO A 215 -22.06 3.50 4.41
CA PRO A 215 -20.95 2.62 4.76
C PRO A 215 -19.73 2.90 3.89
N TYR A 216 -18.54 2.69 4.44
CA TYR A 216 -17.32 3.00 3.70
C TYR A 216 -16.20 2.05 4.07
N TRP A 217 -15.21 1.97 3.18
CA TRP A 217 -13.93 1.37 3.49
C TRP A 217 -13.00 2.49 3.95
N LEU A 218 -12.13 2.21 4.91
CA LEU A 218 -11.15 3.20 5.33
C LEU A 218 -9.79 2.79 4.76
N ILE A 219 -9.15 3.70 4.03
CA ILE A 219 -8.01 3.31 3.22
C ILE A 219 -6.78 4.24 3.38
N ALA A 220 -5.58 3.66 3.46
CA ALA A 220 -4.35 4.44 3.41
C ALA A 220 -3.95 4.65 1.96
N ASN A 221 -3.88 5.90 1.52
CA ASN A 221 -3.31 6.21 0.23
C ASN A 221 -1.80 6.33 0.47
N SER A 222 -1.01 6.40 -0.60
CA SER A 222 0.44 6.47 -0.48
C SER A 222 0.94 7.75 -1.16
N TRP A 223 0.28 8.84 -0.80
CA TRP A 223 0.57 10.16 -1.34
C TRP A 223 0.91 11.18 -0.24
N ASN A 224 1.54 10.71 0.83
CA ASN A 224 1.88 11.49 2.04
C ASN A 224 0.69 12.03 2.83
N GLU A 225 1.00 12.60 3.99
CA GLU A 225 0.01 12.97 5.00
C GLU A 225 -0.86 14.18 4.63
N ASP A 226 -0.41 14.94 3.63
CA ASP A 226 -1.10 16.17 3.24
C ASP A 226 -2.27 15.86 2.31
N TRP A 227 -2.25 14.68 1.69
CA TRP A 227 -3.32 14.34 0.76
C TRP A 227 -4.51 13.77 1.53
N GLY A 228 -5.71 14.21 1.13
CA GLY A 228 -6.97 13.65 1.64
C GLY A 228 -7.07 13.85 3.15
N GLU A 229 -7.53 12.81 3.85
CA GLU A 229 -7.76 12.88 5.28
C GLU A 229 -6.51 12.44 6.04
N ASN A 230 -5.52 13.35 6.13
CA ASN A 230 -4.23 13.06 6.77
CA ASN A 230 -4.24 13.04 6.76
C ASN A 230 -3.56 11.82 6.16
N GLY A 231 -3.80 11.63 4.86
CA GLY A 231 -3.21 10.53 4.09
C GLY A 231 -4.16 9.41 3.73
N TYR A 232 -5.35 9.43 4.34
CA TYR A 232 -6.37 8.41 4.14
C TYR A 232 -7.48 8.92 3.23
N PHE A 233 -8.25 8.00 2.66
CA PHE A 233 -9.56 8.35 2.13
C PHE A 233 -10.58 7.32 2.54
N ARG A 234 -11.84 7.68 2.36
CA ARG A 234 -12.93 6.75 2.56
C ARG A 234 -13.65 6.62 1.24
N ILE A 235 -14.16 5.42 0.96
CA ILE A 235 -14.87 5.15 -0.30
C ILE A 235 -16.11 4.31 -0.01
N VAL A 236 -17.18 4.51 -0.78
CA VAL A 236 -18.38 3.71 -0.65
C VAL A 236 -18.02 2.23 -0.53
N ARG A 237 -18.64 1.55 0.44
CA ARG A 237 -18.48 0.12 0.68
C ARG A 237 -19.78 -0.64 0.41
N GLY A 238 -19.68 -1.78 -0.27
CA GLY A 238 -20.83 -2.65 -0.47
C GLY A 238 -21.34 -2.66 -1.89
N ARG A 239 -20.86 -1.75 -2.74
CA ARG A 239 -21.40 -1.65 -4.12
C ARG A 239 -20.33 -1.76 -5.20
N ASP A 240 -19.21 -2.40 -4.84
CA ASP A 240 -18.08 -2.53 -5.75
C ASP A 240 -17.74 -1.22 -6.45
N GLU A 241 -17.76 -0.13 -5.68
CA GLU A 241 -17.48 1.20 -6.21
C GLU A 241 -16.08 1.22 -6.81
N CYS A 242 -16.01 1.61 -8.09
CA CYS A 242 -14.72 1.63 -8.83
C CYS A 242 -13.95 0.31 -8.73
N SER A 243 -14.66 -0.81 -8.66
CA SER A 243 -14.09 -2.16 -8.54
C SER A 243 -13.26 -2.39 -7.27
N ILE A 244 -13.56 -1.61 -6.22
CA ILE A 244 -12.82 -1.65 -4.95
C ILE A 244 -12.95 -2.99 -4.22
N GLU A 245 -14.02 -3.73 -4.46
CA GLU A 245 -14.14 -5.05 -3.83
C GLU A 245 -13.69 -6.22 -4.71
N SER A 246 -13.20 -5.93 -5.91
CA SER A 246 -12.96 -6.96 -6.92
C SER A 246 -11.48 -7.24 -7.26
N GLU A 247 -10.55 -6.48 -6.67
CA GLU A 247 -9.12 -6.71 -6.90
CA GLU A 247 -9.12 -6.66 -6.91
C GLU A 247 -8.33 -6.71 -5.59
N VAL A 248 -8.86 -7.42 -4.61
CA VAL A 248 -8.22 -7.50 -3.29
C VAL A 248 -7.23 -8.65 -3.29
N THR A 249 -6.03 -8.38 -2.84
CA THR A 249 -4.98 -9.39 -2.73
C THR A 249 -4.24 -9.25 -1.40
N ALA A 250 -3.90 -10.38 -0.78
CA ALA A 250 -3.09 -10.38 0.44
C ALA A 250 -2.30 -11.69 0.57
N GLY A 251 -1.83 -11.97 1.79
CA GLY A 251 -1.06 -13.16 2.06
C GLY A 251 -0.70 -13.31 3.50
N ARG A 252 -0.02 -14.41 3.80
CA ARG A 252 0.24 -14.74 5.19
C ARG A 252 1.66 -15.21 5.35
N ILE A 253 2.25 -14.96 6.53
CA ILE A 253 3.63 -15.41 6.81
C ILE A 253 3.67 -16.84 7.35
N ASN A 254 2.53 -17.34 7.79
CA ASN A 254 2.44 -18.66 8.40
C ASN A 254 1.06 -19.31 8.16
#